data_5EZM
#
_entry.id   5EZM
#
_cell.length_a   58.604
_cell.length_b   80.630
_cell.length_c   150.253
_cell.angle_alpha   90.000
_cell.angle_beta   90.000
_cell.angle_gamma   90.000
#
_symmetry.space_group_name_H-M   'P 21 21 21'
#
loop_
_entity.id
_entity.type
_entity.pdbx_description
1 polymer '4-amino-4-deoxy-L-arabinose transferase or related glycosyltransferases of PMT family'
2 non-polymer 'ZINC ION'
3 non-polymer 'MONO-TRANS, OCTA-CIS DECAPRENYL-PHOSPHATE'
4 non-polymer '[(Z)-octadec-9-enyl] (2R)-2,3-bis(oxidanyl)propanoate'
5 non-polymer 'CHLORIDE ION'
6 non-polymer 'PHOSPHATE ION'
7 non-polymer PHOSPHOCHOLINE
8 non-polymer '4-(2-HYDROXYETHYL)-1-PIPERAZINE ETHANESULFONIC ACID'
9 water water
#
_entity_poly.entity_id   1
_entity_poly.type   'polypeptide(L)'
_entity_poly.pdbx_seq_one_letter_code
;SYVMPQPTSQQRASVASSQSTQGAVGWSAATGWVVLFVAVALVVWFVSLDMRHLVGPDEGRYAEISREMFASGDWVTIRY
NALKYFEKPPFHMWVTVVGYELFGLGEWQARLAVALSGLLGIGVSMMAARRWFGARAAAFTGLALLAAPMWSVAAHFNTL
DMTLAGVMSCVLAFMLMGQHPDASVAARRGWMVACWAAMGVAILTKGLVGIALPGLVLVVYTLVTRDWGLWRRLHLALGV
VVMLVITVPWFYLVSVRNPEFPNFFFIHEHWQRYTSNIHSRSGSVFYFLPLVIGGFLPWAGIFPKLWTAMRAPVEGTQAR
FRPALMAGIWAIAIFVFFSISRSKLPGYIVPVIPALGILAGVALDRLSPRSWGKQLIGMAIVAACGLLASPVVATLNANH
IPNSFYRAYAVWVAVAFVVMLLGIAVARLLLRRGVLPSVAVYAMGMYLGFTVALLGHETVGRPASGADIAPQIAQKLTPE
MPLYGVQMLDHTLPFYLRHPLMMVGQADELTFGATVEPQRVVPDVDSFTKLWKNGQPAMAVMSPDTYLALAPTLSMYVVA
RDWRRVVVANVASLAGPQ
;
_entity_poly.pdbx_strand_id   A
#
# COMPACT_ATOMS: atom_id res chain seq x y z
N SER A 28 33.63 -7.71 13.05
CA SER A 28 33.28 -6.41 12.49
C SER A 28 34.29 -5.99 11.43
N ALA A 29 34.74 -6.95 10.63
CA ALA A 29 35.72 -6.66 9.58
C ALA A 29 35.07 -5.88 8.45
N ALA A 30 34.18 -6.53 7.69
CA ALA A 30 33.54 -5.92 6.54
C ALA A 30 32.27 -5.16 6.90
N THR A 31 32.14 -4.70 8.15
CA THR A 31 30.97 -3.92 8.54
C THR A 31 30.83 -2.67 7.67
N GLY A 32 31.95 -2.10 7.22
CA GLY A 32 31.92 -0.97 6.32
C GLY A 32 31.14 -1.22 5.05
N TRP A 33 30.96 -2.49 4.66
CA TRP A 33 30.06 -2.79 3.56
C TRP A 33 28.60 -2.72 4.00
N VAL A 34 28.27 -3.38 5.11
CA VAL A 34 26.90 -3.39 5.62
C VAL A 34 26.42 -1.95 5.80
N VAL A 35 27.16 -1.18 6.61
CA VAL A 35 26.83 0.24 6.82
C VAL A 35 26.63 0.93 5.47
N LEU A 36 27.50 0.63 4.50
CA LEU A 36 27.33 1.19 3.17
C LEU A 36 26.02 0.72 2.55
N PHE A 37 25.85 -0.61 2.46
CA PHE A 37 24.67 -1.21 1.85
C PHE A 37 23.39 -0.57 2.40
N VAL A 38 23.17 -0.73 3.70
CA VAL A 38 21.97 -0.18 4.33
C VAL A 38 21.83 1.31 4.03
N ALA A 39 22.94 2.05 4.13
CA ALA A 39 22.89 3.46 3.80
C ALA A 39 22.35 3.68 2.40
N VAL A 40 22.97 3.02 1.41
CA VAL A 40 22.52 3.17 0.03
C VAL A 40 21.05 2.76 -0.09
N ALA A 41 20.63 1.77 0.70
CA ALA A 41 19.22 1.39 0.68
C ALA A 41 18.35 2.52 1.19
N LEU A 42 18.66 3.04 2.38
CA LEU A 42 17.76 3.97 3.06
C LEU A 42 17.57 5.24 2.25
N VAL A 43 18.66 5.79 1.71
CA VAL A 43 18.55 7.00 0.90
C VAL A 43 17.69 6.74 -0.33
N VAL A 44 17.82 5.56 -0.94
CA VAL A 44 16.94 5.25 -2.06
C VAL A 44 15.52 5.04 -1.56
N TRP A 45 15.39 4.51 -0.34
CA TRP A 45 14.07 4.21 0.22
C TRP A 45 13.22 5.47 0.36
N PHE A 46 13.83 6.57 0.83
CA PHE A 46 13.07 7.78 1.11
C PHE A 46 13.04 8.76 -0.05
N VAL A 47 14.18 8.95 -0.74
CA VAL A 47 14.20 9.87 -1.89
C VAL A 47 13.15 9.45 -2.91
N SER A 48 13.11 8.15 -3.24
CA SER A 48 12.14 7.64 -4.21
C SER A 48 10.70 7.93 -3.80
N LEU A 49 10.45 8.24 -2.52
CA LEU A 49 9.10 8.58 -2.11
C LEU A 49 8.62 9.86 -2.77
N ASP A 50 9.51 10.82 -3.02
CA ASP A 50 9.14 12.15 -3.46
C ASP A 50 9.47 12.37 -4.93
N MET A 51 9.27 11.35 -5.77
CA MET A 51 9.60 11.47 -7.17
C MET A 51 8.45 11.05 -8.09
N ARG A 52 7.26 10.86 -7.55
CA ARG A 52 6.08 10.56 -8.36
C ARG A 52 4.92 11.40 -7.84
N HIS A 53 4.07 11.86 -8.75
CA HIS A 53 2.82 12.47 -8.34
C HIS A 53 1.86 11.39 -7.82
N LEU A 54 0.87 11.82 -7.06
CA LEU A 54 -0.03 10.89 -6.40
C LEU A 54 -0.90 10.17 -7.43
N VAL A 55 -0.99 8.85 -7.30
CA VAL A 55 -1.71 8.00 -8.23
C VAL A 55 -3.05 7.64 -7.61
N GLY A 56 -4.14 8.12 -8.22
CA GLY A 56 -5.47 7.79 -7.75
C GLY A 56 -5.87 6.37 -8.10
N PRO A 57 -6.86 5.83 -7.38
CA PRO A 57 -7.60 6.50 -6.30
C PRO A 57 -6.91 6.46 -4.94
N ASP A 58 -6.19 5.37 -4.64
CA ASP A 58 -5.76 5.11 -3.27
C ASP A 58 -4.86 6.20 -2.73
N GLU A 59 -3.71 6.45 -3.38
CA GLU A 59 -2.76 7.43 -2.89
C GLU A 59 -3.43 8.79 -2.69
N GLY A 60 -4.18 9.24 -3.70
CA GLY A 60 -4.87 10.51 -3.58
C GLY A 60 -5.94 10.49 -2.49
N ARG A 61 -6.71 9.40 -2.42
CA ARG A 61 -7.79 9.33 -1.44
C ARG A 61 -7.26 9.44 -0.01
N TYR A 62 -6.26 8.64 0.32
CA TYR A 62 -5.76 8.66 1.69
C TYR A 62 -4.94 9.93 1.97
N ALA A 63 -4.23 10.44 0.97
CA ALA A 63 -3.51 11.69 1.17
C ALA A 63 -4.47 12.83 1.44
N GLU A 64 -5.63 12.84 0.76
CA GLU A 64 -6.59 13.92 0.92
C GLU A 64 -7.40 13.78 2.20
N ILE A 65 -7.85 12.57 2.52
CA ILE A 65 -8.50 12.33 3.81
C ILE A 65 -7.58 12.80 4.93
N SER A 66 -6.32 12.39 4.88
CA SER A 66 -5.38 12.82 5.91
C SER A 66 -5.20 14.33 5.90
N ARG A 67 -5.20 14.96 4.71
CA ARG A 67 -5.12 16.41 4.66
C ARG A 67 -6.30 17.05 5.39
N GLU A 68 -7.51 16.57 5.12
CA GLU A 68 -8.70 17.17 5.73
C GLU A 68 -8.69 16.97 7.25
N MET A 69 -8.28 15.79 7.70
CA MET A 69 -8.13 15.57 9.14
C MET A 69 -7.12 16.54 9.72
N PHE A 70 -6.01 16.75 9.01
CA PHE A 70 -4.96 17.66 9.46
C PHE A 70 -5.48 19.09 9.56
N ALA A 71 -6.30 19.51 8.60
CA ALA A 71 -6.81 20.87 8.60
C ALA A 71 -7.96 21.08 9.57
N SER A 72 -8.66 20.00 9.95
CA SER A 72 -9.81 20.13 10.84
C SER A 72 -9.50 19.81 12.29
N GLY A 73 -8.55 18.91 12.54
CA GLY A 73 -8.26 18.46 13.89
C GLY A 73 -9.17 17.36 14.40
N ASP A 74 -10.21 17.00 13.64
CA ASP A 74 -11.12 15.92 14.04
C ASP A 74 -10.48 14.59 13.66
N TRP A 75 -9.86 13.93 14.64
CA TRP A 75 -9.22 12.63 14.43
C TRP A 75 -10.18 11.47 14.63
N VAL A 76 -11.47 11.73 14.82
CA VAL A 76 -12.47 10.70 15.08
C VAL A 76 -13.38 10.49 13.88
N THR A 77 -14.01 11.55 13.39
CA THR A 77 -14.95 11.46 12.27
C THR A 77 -14.18 11.64 10.97
N ILE A 78 -13.85 10.52 10.32
CA ILE A 78 -13.11 10.56 9.06
C ILE A 78 -13.98 11.19 7.98
N ARG A 79 -13.38 12.07 7.19
CA ARG A 79 -14.10 12.75 6.11
C ARG A 79 -13.27 12.73 4.83
N TYR A 80 -13.95 12.58 3.71
CA TYR A 80 -13.34 12.60 2.38
C TYR A 80 -14.12 13.60 1.54
N ASN A 81 -13.47 14.71 1.19
CA ASN A 81 -14.11 15.83 0.51
C ASN A 81 -15.29 16.34 1.32
N ALA A 82 -15.03 16.59 2.62
CA ALA A 82 -15.97 17.17 3.56
C ALA A 82 -17.11 16.21 3.88
N LEU A 83 -17.09 15.01 3.32
CA LEU A 83 -18.16 14.04 3.52
C LEU A 83 -17.67 12.86 4.35
N LYS A 84 -18.56 12.35 5.19
CA LYS A 84 -18.22 11.21 6.05
C LYS A 84 -17.76 10.03 5.22
N TYR A 85 -16.63 9.46 5.62
CA TYR A 85 -16.04 8.29 4.96
C TYR A 85 -15.83 7.23 6.03
N PHE A 86 -16.74 6.26 6.08
CA PHE A 86 -16.71 5.21 7.09
C PHE A 86 -16.35 3.85 6.51
N GLU A 87 -15.58 3.82 5.42
CA GLU A 87 -15.19 2.57 4.80
C GLU A 87 -13.88 2.02 5.34
N LYS A 88 -13.12 2.80 6.12
CA LYS A 88 -11.82 2.38 6.65
C LYS A 88 -11.60 2.92 8.05
N PRO A 89 -10.83 2.21 8.87
CA PRO A 89 -10.43 2.74 10.19
C PRO A 89 -9.30 3.74 10.05
N PRO A 90 -8.97 4.50 11.11
CA PRO A 90 -8.19 5.74 10.94
C PRO A 90 -6.69 5.70 11.21
N PHE A 91 -6.10 4.56 11.59
CA PHE A 91 -4.71 4.59 12.05
C PHE A 91 -3.77 5.10 10.97
N HIS A 92 -3.93 4.61 9.74
CA HIS A 92 -3.13 5.11 8.63
C HIS A 92 -3.24 6.62 8.52
N MET A 93 -4.46 7.15 8.68
CA MET A 93 -4.64 8.60 8.61
C MET A 93 -3.99 9.30 9.79
N TRP A 94 -4.08 8.71 10.99
CA TRP A 94 -3.39 9.28 12.14
C TRP A 94 -1.90 9.44 11.87
N VAL A 95 -1.28 8.37 11.37
CA VAL A 95 0.16 8.42 11.09
C VAL A 95 0.46 9.49 10.03
N THR A 96 -0.31 9.47 8.94
CA THR A 96 -0.08 10.46 7.87
C THR A 96 -0.23 11.87 8.40
N VAL A 97 -1.17 12.09 9.33
CA VAL A 97 -1.41 13.44 9.83
C VAL A 97 -0.26 13.87 10.73
N VAL A 98 0.27 12.97 11.55
CA VAL A 98 1.48 13.30 12.29
C VAL A 98 2.60 13.68 11.34
N GLY A 99 2.74 12.91 10.24
CA GLY A 99 3.73 13.28 9.23
C GLY A 99 3.51 14.67 8.67
N TYR A 100 2.24 15.03 8.41
CA TYR A 100 1.92 16.36 7.92
C TYR A 100 2.32 17.43 8.93
N GLU A 101 2.04 17.18 10.21
CA GLU A 101 2.41 18.13 11.25
C GLU A 101 3.92 18.31 11.35
N LEU A 102 4.70 17.25 11.08
CA LEU A 102 6.15 17.40 11.17
C LEU A 102 6.74 18.03 9.92
N PHE A 103 6.29 17.62 8.73
CA PHE A 103 6.98 17.97 7.49
C PHE A 103 6.06 18.62 6.46
N GLY A 104 4.85 19.03 6.83
CA GLY A 104 3.96 19.70 5.90
C GLY A 104 3.43 18.76 4.83
N LEU A 105 2.54 19.31 4.00
CA LEU A 105 1.91 18.54 2.95
C LEU A 105 2.88 18.28 1.80
N GLY A 106 2.70 17.13 1.15
CA GLY A 106 3.54 16.78 0.03
C GLY A 106 3.38 15.32 -0.31
N GLU A 107 3.99 14.95 -1.44
CA GLU A 107 3.91 13.57 -1.91
C GLU A 107 4.59 12.61 -0.94
N TRP A 108 5.85 12.87 -0.60
CA TRP A 108 6.57 11.90 0.23
C TRP A 108 6.01 11.84 1.64
N GLN A 109 5.49 12.96 2.15
CA GLN A 109 4.83 12.92 3.46
C GLN A 109 3.58 12.05 3.42
N ALA A 110 2.84 12.11 2.31
CA ALA A 110 1.63 11.31 2.19
C ALA A 110 1.94 9.82 2.06
N ARG A 111 3.16 9.47 1.67
CA ARG A 111 3.59 8.09 1.55
C ARG A 111 4.43 7.64 2.74
N LEU A 112 4.44 8.40 3.82
CA LEU A 112 5.36 8.14 4.92
C LEU A 112 4.91 6.91 5.73
N ALA A 113 3.60 6.76 5.94
CA ALA A 113 3.10 5.63 6.72
C ALA A 113 3.47 4.30 6.08
N VAL A 114 3.36 4.21 4.75
CA VAL A 114 3.65 2.93 4.10
C VAL A 114 5.15 2.66 4.06
N ALA A 115 5.97 3.71 3.94
CA ALA A 115 7.42 3.51 3.93
C ALA A 115 7.89 3.03 5.29
N LEU A 116 7.44 3.69 6.36
CA LEU A 116 7.79 3.24 7.70
C LEU A 116 7.23 1.85 7.98
N SER A 117 6.05 1.54 7.43
CA SER A 117 5.53 0.18 7.57
C SER A 117 6.44 -0.84 6.91
N GLY A 118 6.94 -0.51 5.71
CA GLY A 118 7.85 -1.42 5.05
C GLY A 118 9.13 -1.66 5.83
N LEU A 119 9.77 -0.57 6.28
CA LEU A 119 10.96 -0.72 7.12
C LEU A 119 10.64 -1.53 8.37
N LEU A 120 9.46 -1.31 8.95
CA LEU A 120 9.08 -2.03 10.16
C LEU A 120 8.96 -3.52 9.90
N GLY A 121 8.32 -3.89 8.79
CA GLY A 121 8.22 -5.30 8.44
C GLY A 121 9.58 -5.94 8.23
N ILE A 122 10.47 -5.25 7.52
CA ILE A 122 11.83 -5.75 7.36
C ILE A 122 12.47 -5.98 8.72
N GLY A 123 12.46 -4.95 9.56
CA GLY A 123 13.09 -4.98 10.87
C GLY A 123 12.60 -6.10 11.77
N VAL A 124 11.30 -6.13 12.07
CA VAL A 124 10.80 -7.16 12.98
C VAL A 124 10.90 -8.54 12.35
N SER A 125 10.79 -8.63 11.02
CA SER A 125 10.93 -9.92 10.36
C SER A 125 12.32 -10.49 10.57
N MET A 126 13.36 -9.71 10.31
CA MET A 126 14.69 -10.24 10.55
C MET A 126 15.05 -10.26 12.03
N MET A 127 14.26 -9.61 12.89
CA MET A 127 14.43 -9.82 14.33
C MET A 127 14.01 -11.22 14.73
N ALA A 128 12.79 -11.62 14.32
CA ALA A 128 12.34 -12.98 14.58
C ALA A 128 13.25 -14.00 13.91
N ALA A 129 13.66 -13.72 12.67
CA ALA A 129 14.58 -14.61 11.97
C ALA A 129 15.89 -14.75 12.74
N ARG A 130 16.44 -13.64 13.25
CA ARG A 130 17.69 -13.70 14.00
C ARG A 130 17.50 -14.49 15.29
N ARG A 131 16.34 -14.35 15.93
CA ARG A 131 16.07 -15.07 17.17
C ARG A 131 16.02 -16.57 16.93
N TRP A 132 15.24 -17.01 15.94
CA TRP A 132 15.01 -18.44 15.74
C TRP A 132 16.07 -19.12 14.88
N PHE A 133 16.62 -18.42 13.89
CA PHE A 133 17.50 -19.06 12.92
C PHE A 133 18.89 -18.47 12.82
N GLY A 134 19.17 -17.36 13.49
CA GLY A 134 20.51 -16.84 13.58
C GLY A 134 20.71 -15.61 12.72
N ALA A 135 21.93 -15.07 12.81
CA ALA A 135 22.24 -13.79 12.16
C ALA A 135 22.23 -13.92 10.63
N ARG A 136 22.88 -14.95 10.10
CA ARG A 136 22.98 -15.09 8.65
C ARG A 136 21.61 -15.21 8.00
N ALA A 137 20.76 -16.09 8.56
CA ALA A 137 19.41 -16.23 8.04
C ALA A 137 18.64 -14.92 8.15
N ALA A 138 18.84 -14.17 9.23
CA ALA A 138 18.18 -12.87 9.37
C ALA A 138 18.61 -11.91 8.26
N ALA A 139 19.90 -11.89 7.96
CA ALA A 139 20.38 -11.07 6.84
C ALA A 139 19.69 -11.48 5.55
N PHE A 140 19.60 -12.80 5.31
CA PHE A 140 18.89 -13.25 4.12
C PHE A 140 17.42 -12.83 4.13
N THR A 141 16.82 -12.72 5.31
CA THR A 141 15.43 -12.27 5.38
C THR A 141 15.31 -10.79 5.02
N GLY A 142 16.21 -9.96 5.55
CA GLY A 142 16.20 -8.55 5.18
C GLY A 142 16.42 -8.35 3.69
N LEU A 143 17.41 -9.04 3.12
CA LEU A 143 17.63 -8.97 1.68
C LEU A 143 16.42 -9.45 0.91
N ALA A 144 15.80 -10.54 1.37
CA ALA A 144 14.62 -11.07 0.71
C ALA A 144 13.50 -10.05 0.65
N LEU A 145 13.13 -9.47 1.79
CA LEU A 145 12.07 -8.47 1.80
C LEU A 145 12.45 -7.23 1.02
N LEU A 146 13.73 -6.86 1.01
CA LEU A 146 14.15 -5.70 0.24
C LEU A 146 13.95 -5.92 -1.26
N ALA A 147 14.37 -7.09 -1.76
CA ALA A 147 14.29 -7.36 -3.19
C ALA A 147 12.88 -7.71 -3.65
N ALA A 148 12.02 -8.16 -2.74
CA ALA A 148 10.66 -8.54 -3.11
C ALA A 148 9.91 -7.33 -3.66
N PRO A 149 9.52 -7.33 -4.94
CA PRO A 149 8.88 -6.14 -5.51
C PRO A 149 7.55 -5.80 -4.87
N MET A 150 6.80 -6.78 -4.37
CA MET A 150 5.55 -6.45 -3.70
C MET A 150 5.78 -5.67 -2.42
N TRP A 151 6.82 -6.03 -1.66
CA TRP A 151 7.06 -5.33 -0.40
C TRP A 151 7.63 -3.93 -0.63
N SER A 152 8.53 -3.78 -1.60
CA SER A 152 9.15 -2.47 -1.85
C SER A 152 8.18 -1.54 -2.57
N VAL A 153 7.58 -2.02 -3.66
CA VAL A 153 6.57 -1.25 -4.39
C VAL A 153 5.43 -0.86 -3.45
N ALA A 154 4.82 -1.86 -2.82
CA ALA A 154 3.74 -1.57 -1.88
C ALA A 154 4.21 -0.67 -0.74
N ALA A 155 5.48 -0.78 -0.36
CA ALA A 155 6.04 0.08 0.67
C ALA A 155 6.19 1.51 0.20
N HIS A 156 6.23 1.76 -1.11
CA HIS A 156 6.36 3.11 -1.65
C HIS A 156 5.08 3.59 -2.34
N PHE A 157 3.95 2.92 -2.10
CA PHE A 157 2.68 3.27 -2.73
C PHE A 157 1.64 3.50 -1.66
N ASN A 158 1.12 4.72 -1.58
CA ASN A 158 0.27 5.11 -0.46
C ASN A 158 -1.06 4.38 -0.47
N THR A 159 -1.12 3.24 0.23
CA THR A 159 -2.35 2.48 0.39
C THR A 159 -2.33 1.85 1.77
N LEU A 160 -3.52 1.49 2.26
CA LEU A 160 -3.62 0.92 3.61
C LEU A 160 -3.01 -0.47 3.70
N ASP A 161 -2.88 -1.17 2.57
CA ASP A 161 -2.47 -2.57 2.60
C ASP A 161 -1.05 -2.74 3.14
N MET A 162 -0.15 -1.78 2.88
CA MET A 162 1.21 -1.90 3.40
C MET A 162 1.28 -1.56 4.89
N THR A 163 0.48 -0.58 5.33
CA THR A 163 0.41 -0.30 6.77
C THR A 163 -0.09 -1.53 7.52
N LEU A 164 -1.21 -2.11 7.06
CA LEU A 164 -1.70 -3.34 7.65
C LEU A 164 -0.68 -4.46 7.56
N ALA A 165 0.10 -4.50 6.48
CA ALA A 165 1.11 -5.54 6.32
C ALA A 165 2.23 -5.38 7.34
N GLY A 166 2.60 -4.14 7.66
CA GLY A 166 3.65 -3.92 8.63
C GLY A 166 3.21 -4.22 10.04
N VAL A 167 2.01 -3.77 10.41
CA VAL A 167 1.54 -4.05 11.77
C VAL A 167 1.26 -5.53 11.95
N MET A 168 0.72 -6.20 10.91
CA MET A 168 0.51 -7.64 11.01
C MET A 168 1.83 -8.39 11.01
N SER A 169 2.85 -7.88 10.31
CA SER A 169 4.18 -8.43 10.44
C SER A 169 4.69 -8.30 11.86
N CYS A 170 4.28 -7.24 12.57
CA CYS A 170 4.57 -7.16 13.99
C CYS A 170 3.80 -8.22 14.77
N VAL A 171 2.57 -8.53 14.35
CA VAL A 171 1.83 -9.62 15.01
C VAL A 171 2.60 -10.93 14.90
N LEU A 172 2.99 -11.30 13.67
CA LEU A 172 3.70 -12.56 13.47
C LEU A 172 5.04 -12.55 14.19
N ALA A 173 5.84 -11.51 13.99
CA ALA A 173 7.18 -11.47 14.58
C ALA A 173 7.13 -11.49 16.09
N PHE A 174 6.21 -10.73 16.69
CA PHE A 174 6.10 -10.72 18.14
C PHE A 174 5.63 -12.07 18.65
N MET A 175 4.71 -12.72 17.93
CA MET A 175 4.29 -14.07 18.32
C MET A 175 5.46 -15.04 18.28
N LEU A 176 6.32 -14.95 17.26
CA LEU A 176 7.47 -15.84 17.19
C LEU A 176 8.47 -15.54 18.30
N MET A 177 8.69 -14.26 18.60
CA MET A 177 9.61 -13.90 19.68
C MET A 177 9.12 -14.41 21.03
N GLY A 178 7.80 -14.32 21.26
CA GLY A 178 7.25 -14.74 22.54
C GLY A 178 7.21 -16.24 22.75
N GLN A 179 7.33 -17.03 21.70
CA GLN A 179 7.27 -18.48 21.80
C GLN A 179 8.64 -19.13 21.75
N HIS A 180 9.72 -18.34 21.90
CA HIS A 180 11.04 -18.94 21.95
C HIS A 180 11.30 -19.51 23.34
N PRO A 181 11.76 -20.76 23.46
CA PRO A 181 11.95 -21.34 24.79
C PRO A 181 12.98 -20.60 25.63
N ASP A 182 14.05 -20.11 25.02
CA ASP A 182 15.10 -19.42 25.76
C ASP A 182 14.69 -18.01 26.25
N ALA A 183 13.41 -17.66 26.23
CA ALA A 183 12.93 -16.39 26.74
C ALA A 183 12.27 -16.60 28.11
N SER A 184 12.47 -15.63 28.99
CA SER A 184 11.87 -15.69 30.32
C SER A 184 10.36 -15.44 30.25
N VAL A 185 9.69 -15.71 31.37
CA VAL A 185 8.26 -15.45 31.45
C VAL A 185 7.97 -13.97 31.25
N ALA A 186 8.86 -13.10 31.75
CA ALA A 186 8.71 -11.67 31.53
C ALA A 186 8.86 -11.33 30.05
N ALA A 187 9.80 -11.98 29.36
CA ALA A 187 9.96 -11.74 27.93
C ALA A 187 8.79 -12.30 27.15
N ARG A 188 8.31 -13.49 27.52
CA ARG A 188 7.16 -14.08 26.84
C ARG A 188 5.93 -13.20 26.99
N ARG A 189 5.68 -12.70 28.20
CA ARG A 189 4.55 -11.81 28.42
C ARG A 189 4.72 -10.50 27.67
N GLY A 190 5.96 -9.97 27.63
CA GLY A 190 6.20 -8.74 26.89
C GLY A 190 5.92 -8.90 25.41
N TRP A 191 6.43 -9.98 24.82
CA TRP A 191 6.20 -10.19 23.39
C TRP A 191 4.75 -10.55 23.11
N MET A 192 4.05 -11.14 24.08
CA MET A 192 2.65 -11.48 23.87
C MET A 192 1.76 -10.25 23.93
N VAL A 193 1.96 -9.38 24.92
CA VAL A 193 1.22 -8.12 24.94
C VAL A 193 1.61 -7.26 23.75
N ALA A 194 2.86 -7.36 23.29
CA ALA A 194 3.24 -6.68 22.06
C ALA A 194 2.47 -7.22 20.87
N CYS A 195 2.25 -8.54 20.85
CA CYS A 195 1.51 -9.17 19.76
C CYS A 195 0.05 -8.70 19.76
N TRP A 196 -0.61 -8.81 20.91
CA TRP A 196 -2.01 -8.37 21.00
C TRP A 196 -2.15 -6.89 20.69
N ALA A 197 -1.20 -6.07 21.16
CA ALA A 197 -1.21 -4.66 20.83
C ALA A 197 -1.11 -4.43 19.33
N ALA A 198 -0.21 -5.17 18.66
CA ALA A 198 -0.10 -5.06 17.22
C ALA A 198 -1.41 -5.44 16.54
N MET A 199 -2.08 -6.48 17.03
CA MET A 199 -3.40 -6.84 16.49
C MET A 199 -4.38 -5.70 16.68
N GLY A 200 -4.32 -5.00 17.82
CA GLY A 200 -5.17 -3.85 18.03
C GLY A 200 -4.93 -2.75 17.01
N VAL A 201 -3.66 -2.40 16.81
CA VAL A 201 -3.32 -1.39 15.80
C VAL A 201 -3.84 -1.83 14.43
N ALA A 202 -3.71 -3.12 14.12
CA ALA A 202 -4.17 -3.63 12.82
C ALA A 202 -5.68 -3.46 12.68
N ILE A 203 -6.43 -3.73 13.76
CA ILE A 203 -7.87 -3.51 13.72
C ILE A 203 -8.17 -2.04 13.48
N LEU A 204 -7.42 -1.14 14.15
CA LEU A 204 -7.54 0.28 13.89
C LEU A 204 -7.01 0.70 12.54
N THR A 205 -6.43 -0.23 11.77
CA THR A 205 -5.93 0.07 10.43
C THR A 205 -6.89 -0.37 9.34
N LYS A 206 -7.44 -1.59 9.44
CA LYS A 206 -8.33 -2.06 8.38
C LYS A 206 -9.42 -3.01 8.91
N GLY A 207 -9.79 -2.88 10.18
CA GLY A 207 -10.92 -3.62 10.69
C GLY A 207 -10.56 -5.00 11.22
N LEU A 208 -11.60 -5.85 11.31
CA LEU A 208 -11.50 -7.13 12.00
C LEU A 208 -10.46 -8.07 11.38
N VAL A 209 -10.03 -7.79 10.15
CA VAL A 209 -9.01 -8.60 9.49
C VAL A 209 -7.83 -8.81 10.44
N GLY A 210 -7.37 -7.73 11.06
CA GLY A 210 -6.19 -7.76 11.91
C GLY A 210 -6.27 -8.77 13.05
N ILE A 211 -7.46 -9.24 13.38
CA ILE A 211 -7.60 -10.31 14.36
C ILE A 211 -8.17 -11.59 13.75
N ALA A 212 -8.89 -11.50 12.63
CA ALA A 212 -9.46 -12.70 12.04
C ALA A 212 -8.39 -13.57 11.38
N LEU A 213 -7.52 -12.95 10.58
CA LEU A 213 -6.45 -13.70 9.94
C LEU A 213 -5.49 -14.33 10.93
N PRO A 214 -4.97 -13.61 11.95
CA PRO A 214 -4.12 -14.31 12.94
C PRO A 214 -4.80 -15.50 13.57
N GLY A 215 -5.99 -15.30 14.17
CA GLY A 215 -6.70 -16.40 14.79
C GLY A 215 -6.88 -17.58 13.86
N LEU A 216 -7.30 -17.31 12.62
CA LEU A 216 -7.32 -18.34 11.59
C LEU A 216 -5.98 -19.06 11.51
N VAL A 217 -4.92 -18.29 11.18
CA VAL A 217 -3.57 -18.86 11.13
C VAL A 217 -3.24 -19.57 12.43
N LEU A 218 -3.78 -19.10 13.55
CA LEU A 218 -3.54 -19.77 14.82
C LEU A 218 -4.22 -21.14 14.84
N VAL A 219 -5.53 -21.18 14.60
CA VAL A 219 -6.26 -22.45 14.77
C VAL A 219 -5.75 -23.48 13.78
N VAL A 220 -5.55 -23.08 12.52
CA VAL A 220 -4.95 -23.97 11.53
C VAL A 220 -3.66 -24.56 12.07
N TYR A 221 -2.80 -23.71 12.62
CA TYR A 221 -1.56 -24.20 13.23
C TYR A 221 -1.85 -25.28 14.25
N THR A 222 -2.73 -25.00 15.21
CA THR A 222 -2.99 -25.97 16.26
C THR A 222 -3.70 -27.21 15.73
N LEU A 223 -4.18 -27.20 14.49
CA LEU A 223 -4.72 -28.42 13.90
C LEU A 223 -3.66 -29.23 13.19
N VAL A 224 -2.60 -28.60 12.71
CA VAL A 224 -1.55 -29.32 11.99
C VAL A 224 -0.55 -29.91 12.97
N THR A 225 -0.18 -29.16 14.00
CA THR A 225 0.80 -29.62 14.98
C THR A 225 0.15 -30.28 16.20
N ARG A 226 -1.14 -30.03 16.44
CA ARG A 226 -1.87 -30.60 17.56
C ARG A 226 -1.19 -30.24 18.89
N ASP A 227 -1.03 -28.94 19.12
CA ASP A 227 -0.38 -28.40 20.30
C ASP A 227 -1.35 -27.41 20.95
N TRP A 228 -2.28 -27.94 21.76
CA TRP A 228 -3.31 -27.10 22.35
C TRP A 228 -2.75 -26.19 23.43
N GLY A 229 -1.73 -26.64 24.16
CA GLY A 229 -1.14 -25.84 25.22
C GLY A 229 -0.62 -24.49 24.75
N LEU A 230 -0.44 -24.31 23.44
CA LEU A 230 -0.04 -23.01 22.92
C LEU A 230 -1.03 -21.92 23.30
N TRP A 231 -2.31 -22.29 23.45
CA TRP A 231 -3.30 -21.29 23.85
C TRP A 231 -3.08 -20.78 25.27
N ARG A 232 -2.27 -21.49 26.07
CA ARG A 232 -1.91 -20.99 27.39
C ARG A 232 -0.79 -19.96 27.32
N ARG A 233 0.12 -20.09 26.36
CA ARG A 233 1.23 -19.15 26.21
C ARG A 233 0.79 -17.80 25.65
N LEU A 234 -0.44 -17.68 25.16
CA LEU A 234 -0.85 -16.47 24.45
C LEU A 234 -1.08 -15.28 25.38
N HIS A 235 -1.15 -15.50 26.69
CA HIS A 235 -1.62 -14.49 27.64
C HIS A 235 -2.97 -13.93 27.18
N LEU A 236 -3.94 -14.84 27.14
CA LEU A 236 -5.23 -14.55 26.51
C LEU A 236 -5.94 -13.38 27.19
N ALA A 237 -6.10 -13.44 28.51
CA ALA A 237 -6.85 -12.40 29.22
C ALA A 237 -6.17 -11.04 29.11
N LEU A 238 -4.90 -10.96 29.49
CA LEU A 238 -4.18 -9.69 29.45
C LEU A 238 -4.11 -9.13 28.03
N GLY A 239 -3.90 -10.01 27.06
CA GLY A 239 -3.80 -9.55 25.68
C GLY A 239 -5.12 -9.05 25.14
N VAL A 240 -6.22 -9.74 25.46
CA VAL A 240 -7.53 -9.25 25.07
C VAL A 240 -7.83 -7.92 25.71
N VAL A 241 -7.45 -7.75 26.99
CA VAL A 241 -7.72 -6.49 27.67
C VAL A 241 -6.95 -5.34 27.03
N VAL A 242 -5.65 -5.55 26.78
CA VAL A 242 -4.85 -4.47 26.20
C VAL A 242 -5.32 -4.16 24.79
N MET A 243 -5.70 -5.19 24.03
CA MET A 243 -6.20 -4.97 22.67
C MET A 243 -7.49 -4.17 22.69
N LEU A 244 -8.42 -4.51 23.60
CA LEU A 244 -9.65 -3.74 23.74
C LEU A 244 -9.35 -2.29 24.13
N VAL A 245 -8.38 -2.09 25.02
CA VAL A 245 -8.00 -0.74 25.41
C VAL A 245 -7.46 0.03 24.21
N ILE A 246 -6.81 -0.65 23.28
CA ILE A 246 -6.26 0.05 22.12
C ILE A 246 -7.34 0.37 21.10
N THR A 247 -8.22 -0.59 20.79
CA THR A 247 -9.17 -0.41 19.70
C THR A 247 -10.45 0.31 20.11
N VAL A 248 -11.00 -0.03 21.27
CA VAL A 248 -12.36 0.40 21.62
C VAL A 248 -12.54 1.91 21.61
N PRO A 249 -11.65 2.72 22.20
CA PRO A 249 -11.96 4.17 22.32
C PRO A 249 -12.39 4.86 21.04
N TRP A 250 -11.69 4.64 19.92
CA TRP A 250 -12.11 5.30 18.69
C TRP A 250 -13.46 4.79 18.21
N PHE A 251 -13.69 3.48 18.32
CA PHE A 251 -14.97 2.94 17.86
C PHE A 251 -16.12 3.47 18.69
N TYR A 252 -15.94 3.58 20.00
CA TYR A 252 -16.97 4.17 20.85
C TYR A 252 -17.19 5.63 20.48
N LEU A 253 -16.10 6.39 20.30
CA LEU A 253 -16.24 7.81 20.01
C LEU A 253 -16.98 8.04 18.69
N VAL A 254 -16.55 7.36 17.63
CA VAL A 254 -17.17 7.56 16.33
C VAL A 254 -18.59 7.00 16.30
N SER A 255 -18.86 5.96 17.10
CA SER A 255 -20.21 5.40 17.14
C SER A 255 -21.16 6.32 17.91
N VAL A 256 -20.67 6.96 18.97
CA VAL A 256 -21.49 7.88 19.75
C VAL A 256 -21.76 9.15 18.95
N ARG A 257 -20.69 9.77 18.42
CA ARG A 257 -20.86 10.99 17.65
C ARG A 257 -21.66 10.73 16.36
N ASN A 258 -21.51 9.55 15.77
CA ASN A 258 -22.22 9.19 14.54
C ASN A 258 -22.92 7.86 14.75
N PRO A 259 -24.18 7.87 15.16
CA PRO A 259 -24.90 6.61 15.43
C PRO A 259 -24.95 5.67 14.24
N GLU A 260 -24.88 6.19 13.01
CA GLU A 260 -24.96 5.35 11.83
C GLU A 260 -23.65 4.63 11.52
N PHE A 261 -22.59 4.87 12.30
CA PHE A 261 -21.29 4.29 11.94
C PHE A 261 -21.26 2.77 12.09
N PRO A 262 -21.61 2.17 13.24
CA PRO A 262 -21.37 0.72 13.39
C PRO A 262 -22.12 -0.13 12.38
N ASN A 263 -23.39 0.18 12.11
CA ASN A 263 -24.14 -0.58 11.12
C ASN A 263 -23.48 -0.52 9.76
N PHE A 264 -22.96 0.66 9.39
CA PHE A 264 -22.26 0.79 8.11
C PHE A 264 -20.97 0.00 8.12
N PHE A 265 -20.03 0.38 8.99
CA PHE A 265 -18.69 -0.19 8.97
C PHE A 265 -18.71 -1.71 9.15
N PHE A 266 -19.69 -2.24 9.88
CA PHE A 266 -19.74 -3.69 10.10
C PHE A 266 -20.72 -4.39 9.17
N ILE A 267 -21.54 -3.67 8.42
CA ILE A 267 -22.57 -4.32 7.61
C ILE A 267 -22.46 -3.95 6.14
N HIS A 268 -21.94 -2.76 5.86
CA HIS A 268 -21.86 -2.27 4.48
C HIS A 268 -21.03 -3.20 3.58
N GLU A 269 -21.69 -3.85 2.62
CA GLU A 269 -21.00 -4.59 1.58
C GLU A 269 -20.54 -3.60 0.52
N HIS A 270 -19.25 -3.27 0.53
CA HIS A 270 -18.69 -2.28 -0.39
C HIS A 270 -18.31 -2.94 -1.71
N TRP A 271 -18.52 -2.20 -2.80
CA TRP A 271 -18.15 -2.68 -4.13
C TRP A 271 -17.97 -1.47 -5.05
N GLN A 272 -17.04 -1.60 -5.98
CA GLN A 272 -16.72 -0.55 -6.92
C GLN A 272 -16.75 -1.10 -8.34
N ARG A 273 -16.71 -0.19 -9.31
CA ARG A 273 -16.71 -0.57 -10.72
C ARG A 273 -15.52 0.04 -11.46
N ARG A 281 -15.71 -6.88 -8.47
CA ARG A 281 -15.72 -8.27 -8.05
C ARG A 281 -15.55 -9.21 -9.24
N SER A 282 -16.04 -10.44 -9.09
CA SER A 282 -15.95 -11.48 -10.12
C SER A 282 -14.50 -11.77 -10.50
N GLY A 283 -13.74 -12.21 -9.51
CA GLY A 283 -12.37 -12.63 -9.71
C GLY A 283 -12.21 -14.11 -9.43
N SER A 284 -11.44 -14.79 -10.27
CA SER A 284 -11.26 -16.23 -10.13
C SER A 284 -10.50 -16.56 -8.86
N VAL A 285 -10.52 -17.85 -8.49
CA VAL A 285 -9.81 -18.29 -7.30
C VAL A 285 -8.30 -18.23 -7.49
N PHE A 286 -7.82 -18.17 -8.73
CA PHE A 286 -6.40 -18.06 -9.03
C PHE A 286 -5.94 -16.60 -9.11
N TYR A 287 -6.75 -15.66 -8.58
CA TYR A 287 -6.47 -14.24 -8.77
C TYR A 287 -5.11 -13.85 -8.18
N PHE A 288 -4.79 -14.32 -6.98
CA PHE A 288 -3.58 -13.93 -6.29
C PHE A 288 -2.38 -14.80 -6.64
N LEU A 289 -2.50 -15.70 -7.62
CA LEU A 289 -1.37 -16.56 -7.98
C LEU A 289 -0.30 -15.79 -8.76
N PRO A 290 -0.62 -15.12 -9.88
CA PRO A 290 0.40 -14.28 -10.51
C PRO A 290 0.79 -13.10 -9.65
N LEU A 291 -0.07 -12.66 -8.72
CA LEU A 291 0.29 -11.59 -7.81
C LEU A 291 1.37 -12.05 -6.83
N VAL A 292 1.20 -13.23 -6.25
CA VAL A 292 2.20 -13.71 -5.29
C VAL A 292 3.49 -14.08 -6.02
N ILE A 293 3.38 -14.64 -7.23
CA ILE A 293 4.59 -15.03 -7.96
C ILE A 293 5.36 -13.80 -8.44
N GLY A 294 4.65 -12.84 -9.02
CA GLY A 294 5.30 -11.63 -9.47
C GLY A 294 5.80 -10.76 -8.32
N GLY A 295 5.07 -10.74 -7.22
CA GLY A 295 5.45 -9.95 -6.07
C GLY A 295 6.58 -10.51 -5.25
N PHE A 296 6.94 -11.77 -5.49
CA PHE A 296 8.10 -12.41 -4.87
C PHE A 296 9.04 -12.94 -5.95
N LEU A 297 9.13 -12.21 -7.08
CA LEU A 297 9.74 -12.77 -8.28
C LEU A 297 11.22 -13.11 -8.12
N PRO A 298 12.08 -12.24 -7.58
CA PRO A 298 13.51 -12.61 -7.47
C PRO A 298 13.77 -13.86 -6.63
N TRP A 299 12.78 -14.38 -5.91
CA TRP A 299 12.92 -15.60 -5.14
C TRP A 299 12.03 -16.73 -5.64
N ALA A 300 11.38 -16.55 -6.79
CA ALA A 300 10.47 -17.58 -7.30
C ALA A 300 11.19 -18.91 -7.48
N GLY A 301 12.45 -18.87 -7.92
CA GLY A 301 13.22 -20.08 -8.11
C GLY A 301 13.42 -20.90 -6.86
N ILE A 302 13.29 -20.30 -5.68
CA ILE A 302 13.41 -21.05 -4.44
C ILE A 302 12.07 -21.27 -3.76
N PHE A 303 10.96 -21.02 -4.47
CA PHE A 303 9.65 -21.31 -3.88
C PHE A 303 9.51 -22.74 -3.38
N PRO A 304 9.98 -23.78 -4.08
CA PRO A 304 9.99 -25.12 -3.46
C PRO A 304 10.81 -25.16 -2.18
N LYS A 305 11.99 -24.55 -2.17
CA LYS A 305 12.84 -24.54 -0.99
C LYS A 305 12.23 -23.76 0.17
N LEU A 306 11.16 -23.00 -0.08
CA LEU A 306 10.39 -22.43 1.02
C LEU A 306 9.54 -23.48 1.70
N TRP A 307 8.86 -24.32 0.90
CA TRP A 307 8.08 -25.42 1.46
C TRP A 307 8.96 -26.33 2.32
N THR A 308 10.10 -26.78 1.75
CA THR A 308 11.01 -27.67 2.46
C THR A 308 11.66 -26.93 3.63
N ALA A 309 11.24 -25.70 3.86
CA ALA A 309 11.71 -24.93 5.00
C ALA A 309 10.78 -25.05 6.20
N MET A 310 9.48 -25.25 5.97
CA MET A 310 8.52 -25.38 7.07
C MET A 310 8.22 -26.83 7.43
N ARG A 311 8.10 -27.71 6.43
CA ARG A 311 7.91 -29.14 6.70
C ARG A 311 9.11 -29.76 7.39
N ALA A 312 10.26 -29.10 7.38
CA ALA A 312 11.46 -29.61 8.04
C ALA A 312 11.91 -28.70 9.17
N ARG A 320 9.50 -27.91 20.29
CA ARG A 320 8.11 -27.65 20.62
C ARG A 320 7.44 -26.76 19.59
N PHE A 321 7.69 -25.46 19.70
CA PHE A 321 7.12 -24.49 18.78
C PHE A 321 7.91 -24.48 17.48
N ARG A 322 7.20 -24.62 16.36
CA ARG A 322 7.84 -24.68 15.04
C ARG A 322 7.65 -23.36 14.31
N PRO A 323 8.66 -22.47 14.29
CA PRO A 323 8.45 -21.13 13.72
C PRO A 323 8.24 -21.12 12.22
N ALA A 324 9.11 -21.80 11.46
CA ALA A 324 8.96 -21.82 10.01
C ALA A 324 7.60 -22.35 9.59
N LEU A 325 7.10 -23.37 10.30
CA LEU A 325 5.75 -23.86 10.03
C LEU A 325 4.71 -22.79 10.32
N MET A 326 4.95 -21.95 11.33
CA MET A 326 4.01 -20.88 11.63
C MET A 326 4.00 -19.84 10.51
N ALA A 327 5.18 -19.50 9.98
CA ALA A 327 5.22 -18.56 8.86
C ALA A 327 4.56 -19.15 7.62
N GLY A 328 4.79 -20.43 7.35
CA GLY A 328 4.18 -21.06 6.19
C GLY A 328 2.68 -21.14 6.29
N ILE A 329 2.15 -21.47 7.48
CA ILE A 329 0.70 -21.48 7.66
C ILE A 329 0.16 -20.06 7.59
N TRP A 330 0.94 -19.08 8.02
CA TRP A 330 0.57 -17.68 7.83
C TRP A 330 0.34 -17.37 6.36
N ALA A 331 1.39 -17.56 5.54
CA ALA A 331 1.30 -17.23 4.12
C ALA A 331 0.22 -18.04 3.41
N ILE A 332 0.20 -19.36 3.63
CA ILE A 332 -0.74 -20.20 2.91
C ILE A 332 -2.17 -19.92 3.34
N ALA A 333 -2.41 -19.84 4.65
CA ALA A 333 -3.76 -19.62 5.16
C ALA A 333 -4.31 -18.28 4.69
N ILE A 334 -3.51 -17.21 4.81
CA ILE A 334 -3.99 -15.91 4.36
C ILE A 334 -4.21 -15.90 2.85
N PHE A 335 -3.32 -16.57 2.11
CA PHE A 335 -3.45 -16.65 0.65
C PHE A 335 -4.77 -17.31 0.26
N VAL A 336 -5.07 -18.47 0.85
CA VAL A 336 -6.31 -19.15 0.47
C VAL A 336 -7.52 -18.41 1.02
N PHE A 337 -7.35 -17.64 2.11
CA PHE A 337 -8.47 -16.86 2.62
C PHE A 337 -8.88 -15.79 1.63
N PHE A 338 -7.91 -15.00 1.15
CA PHE A 338 -8.26 -13.96 0.18
C PHE A 338 -8.56 -14.55 -1.19
N SER A 339 -8.07 -15.77 -1.48
CA SER A 339 -8.30 -16.38 -2.77
C SER A 339 -9.73 -16.91 -2.92
N ILE A 340 -10.41 -17.20 -1.80
CA ILE A 340 -11.79 -17.65 -1.84
C ILE A 340 -12.77 -16.55 -1.45
N SER A 341 -12.29 -15.33 -1.24
CA SER A 341 -13.17 -14.21 -0.91
C SER A 341 -13.79 -13.64 -2.18
N ARG A 342 -14.97 -13.03 -2.02
CA ARG A 342 -15.67 -12.44 -3.16
C ARG A 342 -14.92 -11.23 -3.70
N SER A 343 -14.70 -10.24 -2.84
CA SER A 343 -13.95 -9.05 -3.23
C SER A 343 -12.46 -9.34 -3.18
N LYS A 344 -11.77 -9.07 -4.30
CA LYS A 344 -10.33 -9.33 -4.40
C LYS A 344 -9.64 -8.08 -4.94
N LEU A 345 -8.68 -7.57 -4.18
CA LEU A 345 -7.76 -6.52 -4.60
C LEU A 345 -6.34 -6.98 -4.32
N PRO A 346 -5.38 -6.57 -5.14
CA PRO A 346 -4.01 -7.11 -4.99
C PRO A 346 -3.42 -6.89 -3.61
N GLY A 347 -3.53 -5.67 -3.08
CA GLY A 347 -2.97 -5.36 -1.77
C GLY A 347 -3.39 -6.31 -0.66
N TYR A 348 -4.56 -6.95 -0.79
CA TYR A 348 -5.00 -7.91 0.21
C TYR A 348 -3.92 -8.94 0.52
N ILE A 349 -3.14 -9.33 -0.50
CA ILE A 349 -2.20 -10.43 -0.33
C ILE A 349 -0.86 -9.97 0.24
N VAL A 350 -0.65 -8.67 0.41
CA VAL A 350 0.66 -8.17 0.88
C VAL A 350 1.06 -8.75 2.23
N PRO A 351 0.17 -8.89 3.23
CA PRO A 351 0.61 -9.41 4.54
C PRO A 351 1.30 -10.77 4.50
N VAL A 352 1.24 -11.52 3.40
CA VAL A 352 1.94 -12.80 3.37
C VAL A 352 3.43 -12.63 3.10
N ILE A 353 3.84 -11.48 2.56
CA ILE A 353 5.24 -11.32 2.14
C ILE A 353 6.22 -11.43 3.30
N PRO A 354 6.02 -10.75 4.45
CA PRO A 354 7.00 -10.89 5.54
C PRO A 354 7.25 -12.34 5.95
N ALA A 355 6.19 -13.13 6.13
CA ALA A 355 6.36 -14.54 6.43
C ALA A 355 7.22 -15.23 5.38
N LEU A 356 6.87 -15.04 4.10
CA LEU A 356 7.70 -15.55 3.01
C LEU A 356 9.15 -15.12 3.19
N GLY A 357 9.36 -13.84 3.52
CA GLY A 357 10.71 -13.37 3.81
C GLY A 357 11.43 -14.26 4.80
N ILE A 358 10.80 -14.52 5.95
CA ILE A 358 11.38 -15.42 6.94
C ILE A 358 11.77 -16.74 6.29
N LEU A 359 10.82 -17.34 5.56
CA LEU A 359 11.11 -18.60 4.89
C LEU A 359 12.29 -18.43 3.93
N ALA A 360 12.27 -17.37 3.12
CA ALA A 360 13.40 -17.11 2.23
C ALA A 360 14.69 -17.07 3.03
N GLY A 361 14.67 -16.36 4.16
CA GLY A 361 15.86 -16.24 4.99
C GLY A 361 16.46 -17.58 5.34
N VAL A 362 15.62 -18.57 5.63
CA VAL A 362 16.19 -19.87 5.99
C VAL A 362 16.58 -20.64 4.73
N ALA A 363 15.79 -20.52 3.66
CA ALA A 363 16.10 -21.29 2.46
C ALA A 363 17.45 -20.85 1.89
N LEU A 364 17.60 -19.54 1.65
CA LEU A 364 18.89 -19.02 1.22
C LEU A 364 20.00 -19.40 2.19
N ASP A 365 19.66 -19.56 3.48
CA ASP A 365 20.68 -19.88 4.46
C ASP A 365 21.27 -21.27 4.25
N ARG A 366 20.55 -22.17 3.60
CA ARG A 366 21.02 -23.53 3.38
C ARG A 366 21.63 -23.72 1.99
N LEU A 367 21.68 -22.68 1.17
CA LEU A 367 22.15 -22.82 -0.20
C LEU A 367 23.68 -22.84 -0.27
N SER A 368 24.20 -23.76 -1.07
CA SER A 368 25.62 -23.76 -1.43
C SER A 368 25.86 -22.71 -2.51
N PRO A 369 27.12 -22.40 -2.81
CA PRO A 369 27.39 -21.46 -3.92
C PRO A 369 26.83 -21.91 -5.26
N ARG A 370 26.87 -23.21 -5.56
CA ARG A 370 26.40 -23.66 -6.87
C ARG A 370 24.88 -23.49 -7.00
N SER A 371 24.14 -23.72 -5.92
CA SER A 371 22.69 -23.56 -5.96
C SER A 371 22.32 -22.11 -6.22
N TRP A 372 22.95 -21.19 -5.48
CA TRP A 372 22.70 -19.77 -5.75
C TRP A 372 23.12 -19.41 -7.16
N GLY A 373 24.17 -20.05 -7.68
CA GLY A 373 24.50 -19.87 -9.09
C GLY A 373 23.34 -20.24 -10.00
N LYS A 374 22.70 -21.38 -9.73
CA LYS A 374 21.49 -21.77 -10.47
C LYS A 374 20.47 -20.64 -10.42
N GLN A 375 20.19 -20.13 -9.23
CA GLN A 375 19.21 -19.05 -9.10
C GLN A 375 19.60 -17.84 -9.95
N LEU A 376 20.89 -17.47 -9.92
CA LEU A 376 21.34 -16.33 -10.70
C LEU A 376 21.15 -16.55 -12.19
N ILE A 377 21.36 -17.80 -12.65
CA ILE A 377 21.14 -18.11 -14.06
C ILE A 377 19.68 -17.94 -14.42
N GLY A 378 18.79 -18.55 -13.63
CA GLY A 378 17.36 -18.42 -13.92
C GLY A 378 16.91 -16.98 -13.94
N MET A 379 17.30 -16.21 -12.91
N MET A 379 17.30 -16.21 -12.91
CA MET A 379 16.85 -14.83 -12.82
CA MET A 379 16.85 -14.83 -12.82
C MET A 379 17.46 -13.95 -13.90
C MET A 379 17.46 -13.97 -13.92
N ALA A 380 18.68 -14.27 -14.34
CA ALA A 380 19.26 -13.57 -15.48
C ALA A 380 18.46 -13.84 -16.73
N ILE A 381 18.02 -15.10 -16.92
CA ILE A 381 17.17 -15.43 -18.06
C ILE A 381 15.89 -14.61 -18.01
N VAL A 382 15.11 -14.73 -16.93
CA VAL A 382 13.79 -14.09 -16.92
C VAL A 382 13.93 -12.56 -16.98
N ALA A 383 14.96 -12.00 -16.35
CA ALA A 383 15.17 -10.55 -16.47
C ALA A 383 15.52 -10.16 -17.90
N ALA A 384 16.32 -10.97 -18.59
CA ALA A 384 16.60 -10.71 -20.00
C ALA A 384 15.33 -10.78 -20.84
N CYS A 385 14.43 -11.70 -20.49
CA CYS A 385 13.13 -11.76 -21.17
C CYS A 385 12.31 -10.50 -20.89
N GLY A 386 12.39 -9.98 -19.67
CA GLY A 386 11.76 -8.70 -19.38
C GLY A 386 12.33 -7.58 -20.23
N LEU A 387 13.65 -7.60 -20.44
CA LEU A 387 14.28 -6.60 -21.29
C LEU A 387 13.81 -6.71 -22.74
N LEU A 388 13.73 -7.93 -23.26
CA LEU A 388 13.24 -8.11 -24.63
C LEU A 388 11.77 -7.74 -24.76
N ALA A 389 10.97 -7.97 -23.73
CA ALA A 389 9.54 -7.74 -23.78
C ALA A 389 9.16 -6.33 -23.34
N SER A 390 10.11 -5.52 -22.89
CA SER A 390 9.79 -4.17 -22.44
C SER A 390 9.13 -3.30 -23.50
N PRO A 391 9.49 -3.37 -24.80
CA PRO A 391 8.80 -2.55 -25.79
C PRO A 391 7.32 -2.86 -25.94
N VAL A 392 6.81 -3.91 -25.28
CA VAL A 392 5.39 -4.22 -25.35
C VAL A 392 4.56 -3.08 -24.77
N VAL A 393 4.99 -2.53 -23.63
CA VAL A 393 4.23 -1.46 -22.99
C VAL A 393 4.29 -0.17 -23.80
N ALA A 394 5.27 -0.02 -24.68
CA ALA A 394 5.30 1.14 -25.58
C ALA A 394 4.15 1.13 -26.57
N THR A 395 3.47 -0.01 -26.74
CA THR A 395 2.31 -0.14 -27.60
C THR A 395 1.01 -0.12 -26.82
N LEU A 396 1.00 0.52 -25.66
CA LEU A 396 -0.16 0.54 -24.78
C LEU A 396 -0.74 1.93 -24.66
N ASN A 397 -2.05 1.98 -24.41
CA ASN A 397 -2.74 3.21 -24.04
C ASN A 397 -3.98 2.80 -23.24
N ALA A 398 -3.98 3.12 -21.95
CA ALA A 398 -5.05 2.66 -21.07
C ALA A 398 -5.40 3.76 -20.08
N ASN A 399 -6.60 3.64 -19.51
CA ASN A 399 -7.12 4.58 -18.53
C ASN A 399 -7.17 6.01 -19.08
N HIS A 400 -7.49 6.12 -20.37
CA HIS A 400 -7.59 7.41 -21.05
C HIS A 400 -6.28 8.19 -20.97
N ILE A 401 -5.17 7.47 -21.09
CA ILE A 401 -3.83 8.06 -21.14
C ILE A 401 -3.23 7.72 -22.49
N PRO A 402 -2.84 8.70 -23.30
CA PRO A 402 -2.36 8.42 -24.65
C PRO A 402 -1.12 7.54 -24.68
N ASN A 403 -0.80 7.07 -25.88
CA ASN A 403 0.26 6.08 -26.04
C ASN A 403 1.64 6.65 -25.75
N SER A 404 1.84 7.96 -25.97
CA SER A 404 3.16 8.55 -25.83
C SER A 404 3.72 8.36 -24.42
N PHE A 405 2.90 8.58 -23.40
CA PHE A 405 3.35 8.39 -22.03
C PHE A 405 3.82 6.96 -21.79
N TYR A 406 3.17 5.99 -22.43
CA TYR A 406 3.60 4.60 -22.29
C TYR A 406 4.86 4.32 -23.10
N ARG A 407 5.05 5.02 -24.21
CA ARG A 407 6.33 4.94 -24.91
C ARG A 407 7.46 5.44 -24.01
N ALA A 408 7.21 6.51 -23.26
CA ALA A 408 8.20 6.97 -22.28
C ALA A 408 8.32 6.02 -21.09
N TYR A 409 7.29 5.24 -20.79
CA TYR A 409 7.41 4.26 -19.72
C TYR A 409 8.26 3.07 -20.15
N ALA A 410 8.20 2.71 -21.44
CA ALA A 410 8.90 1.52 -21.91
C ALA A 410 10.40 1.63 -21.72
N VAL A 411 10.98 2.80 -22.01
CA VAL A 411 12.41 2.97 -21.81
C VAL A 411 12.78 2.81 -20.34
N TRP A 412 11.90 3.25 -19.43
CA TRP A 412 12.20 3.10 -18.01
C TRP A 412 12.09 1.65 -17.55
N VAL A 413 11.14 0.90 -18.12
CA VAL A 413 11.07 -0.53 -17.81
C VAL A 413 12.31 -1.24 -18.32
N ALA A 414 12.72 -0.92 -19.55
CA ALA A 414 13.94 -1.52 -20.11
C ALA A 414 15.14 -1.20 -19.22
N VAL A 415 15.25 0.05 -18.77
CA VAL A 415 16.33 0.41 -17.84
C VAL A 415 16.24 -0.42 -16.57
N ALA A 416 15.02 -0.64 -16.07
CA ALA A 416 14.85 -1.43 -14.85
C ALA A 416 15.39 -2.84 -15.03
N PHE A 417 15.00 -3.51 -16.11
CA PHE A 417 15.54 -4.86 -16.32
C PHE A 417 17.04 -4.82 -16.58
N VAL A 418 17.56 -3.72 -17.12
CA VAL A 418 19.00 -3.62 -17.36
C VAL A 418 19.75 -3.55 -16.03
N VAL A 419 19.27 -2.73 -15.08
CA VAL A 419 19.95 -2.66 -13.80
C VAL A 419 19.79 -3.97 -13.04
N MET A 420 18.65 -4.66 -13.21
CA MET A 420 18.54 -6.01 -12.68
C MET A 420 19.64 -6.91 -13.23
N LEU A 421 19.85 -6.88 -14.55
CA LEU A 421 20.89 -7.72 -15.15
C LEU A 421 22.27 -7.35 -14.64
N LEU A 422 22.53 -6.05 -14.47
CA LEU A 422 23.82 -5.63 -13.92
C LEU A 422 24.03 -6.21 -12.53
N GLY A 423 23.04 -6.02 -11.64
CA GLY A 423 23.15 -6.60 -10.31
C GLY A 423 23.36 -8.10 -10.32
N ILE A 424 22.69 -8.80 -11.23
CA ILE A 424 22.89 -10.24 -11.35
C ILE A 424 24.32 -10.55 -11.75
N ALA A 425 24.86 -9.79 -12.70
CA ALA A 425 26.21 -10.03 -13.19
C ALA A 425 27.25 -9.80 -12.10
N VAL A 426 27.17 -8.66 -11.41
CA VAL A 426 28.15 -8.40 -10.35
C VAL A 426 27.95 -9.37 -9.20
N ALA A 427 26.71 -9.83 -8.96
CA ALA A 427 26.51 -10.87 -7.95
C ALA A 427 27.23 -12.16 -8.33
N ARG A 428 27.15 -12.53 -9.62
CA ARG A 428 27.91 -13.69 -10.08
C ARG A 428 29.40 -13.48 -9.93
N LEU A 429 29.88 -12.25 -10.12
CA LEU A 429 31.29 -11.97 -9.89
C LEU A 429 31.66 -12.08 -8.42
N LEU A 430 30.73 -11.76 -7.52
CA LEU A 430 30.98 -11.82 -6.09
C LEU A 430 30.67 -13.19 -5.49
N LEU A 431 30.18 -14.14 -6.29
CA LEU A 431 29.88 -15.46 -5.76
C LEU A 431 31.11 -16.16 -5.20
N ARG A 432 32.29 -15.86 -5.76
CA ARG A 432 33.53 -16.48 -5.26
C ARG A 432 33.80 -16.12 -3.81
N ARG A 433 33.25 -15.02 -3.31
CA ARG A 433 33.48 -14.57 -1.94
C ARG A 433 32.42 -15.07 -0.96
N GLY A 434 31.50 -15.91 -1.41
CA GLY A 434 30.47 -16.43 -0.53
C GLY A 434 29.06 -16.24 -1.06
N VAL A 435 28.11 -16.98 -0.50
CA VAL A 435 26.73 -16.87 -0.94
C VAL A 435 26.11 -15.56 -0.46
N LEU A 436 26.37 -15.20 0.79
CA LEU A 436 25.74 -14.01 1.37
C LEU A 436 26.08 -12.72 0.62
N PRO A 437 27.35 -12.42 0.29
CA PRO A 437 27.60 -11.20 -0.48
C PRO A 437 26.95 -11.21 -1.85
N SER A 438 26.98 -12.36 -2.54
CA SER A 438 26.32 -12.47 -3.84
C SER A 438 24.83 -12.18 -3.74
N VAL A 439 24.17 -12.77 -2.73
CA VAL A 439 22.74 -12.55 -2.53
C VAL A 439 22.47 -11.10 -2.17
N ALA A 440 23.36 -10.47 -1.41
CA ALA A 440 23.18 -9.07 -1.03
C ALA A 440 23.24 -8.15 -2.25
N VAL A 441 24.26 -8.33 -3.09
CA VAL A 441 24.39 -7.52 -4.30
C VAL A 441 23.22 -7.77 -5.24
N TYR A 442 22.84 -9.05 -5.39
CA TYR A 442 21.71 -9.40 -6.25
C TYR A 442 20.42 -8.73 -5.78
N ALA A 443 20.14 -8.81 -4.48
CA ALA A 443 18.93 -8.20 -3.93
C ALA A 443 18.96 -6.69 -4.09
N MET A 444 20.14 -6.07 -3.91
CA MET A 444 20.26 -4.63 -4.14
C MET A 444 19.96 -4.28 -5.59
N GLY A 445 20.47 -5.08 -6.52
CA GLY A 445 20.18 -4.85 -7.92
C GLY A 445 18.70 -4.97 -8.23
N MET A 446 18.05 -5.99 -7.67
CA MET A 446 16.61 -6.17 -7.87
C MET A 446 15.84 -4.99 -7.31
N TYR A 447 16.18 -4.57 -6.08
CA TYR A 447 15.46 -3.48 -5.44
C TYR A 447 15.60 -2.18 -6.24
N LEU A 448 16.82 -1.86 -6.65
CA LEU A 448 17.00 -0.68 -7.49
C LEU A 448 16.24 -0.82 -8.80
N GLY A 449 16.18 -2.03 -9.35
CA GLY A 449 15.47 -2.28 -10.58
C GLY A 449 13.99 -1.99 -10.48
N PHE A 450 13.32 -2.65 -9.54
CA PHE A 450 11.89 -2.41 -9.36
C PHE A 450 11.60 -0.99 -8.91
N THR A 451 12.55 -0.36 -8.19
CA THR A 451 12.40 1.04 -7.87
C THR A 451 12.37 1.89 -9.13
N VAL A 452 13.27 1.61 -10.07
CA VAL A 452 13.25 2.32 -11.35
C VAL A 452 11.94 2.04 -12.08
N ALA A 453 11.45 0.79 -12.01
CA ALA A 453 10.18 0.48 -12.66
C ALA A 453 9.03 1.26 -12.05
N LEU A 454 9.09 1.54 -10.74
CA LEU A 454 8.02 2.31 -10.10
C LEU A 454 8.13 3.79 -10.43
N LEU A 455 9.34 4.34 -10.33
CA LEU A 455 9.54 5.74 -10.69
C LEU A 455 9.17 6.00 -12.14
N GLY A 456 9.39 5.02 -13.02
CA GLY A 456 9.00 5.19 -14.41
C GLY A 456 7.52 5.35 -14.60
N HIS A 457 6.72 4.78 -13.68
CA HIS A 457 5.27 4.96 -13.75
C HIS A 457 4.85 6.42 -13.64
N GLU A 458 5.74 7.30 -13.20
CA GLU A 458 5.44 8.73 -13.17
C GLU A 458 5.06 9.24 -14.56
N THR A 459 5.59 8.63 -15.63
CA THR A 459 5.27 9.05 -16.98
C THR A 459 3.77 9.03 -17.24
N VAL A 460 3.07 8.00 -16.77
CA VAL A 460 1.64 7.92 -16.97
C VAL A 460 0.85 8.40 -15.75
N GLY A 461 1.49 8.49 -14.58
CA GLY A 461 0.79 8.90 -13.38
C GLY A 461 0.67 10.41 -13.23
N ARG A 462 1.69 11.14 -13.67
CA ARG A 462 1.65 12.60 -13.58
C ARG A 462 0.54 13.22 -14.42
N PRO A 463 0.35 12.87 -15.70
CA PRO A 463 -0.77 13.45 -16.44
C PRO A 463 -2.13 13.06 -15.90
N ALA A 464 -2.21 11.96 -15.16
CA ALA A 464 -3.50 11.56 -14.59
C ALA A 464 -3.78 12.27 -13.29
N SER A 465 -2.73 12.63 -12.55
CA SER A 465 -2.92 13.25 -11.25
C SER A 465 -3.56 14.63 -11.35
N GLY A 466 -3.42 15.31 -12.49
CA GLY A 466 -3.95 16.65 -12.62
C GLY A 466 -3.12 17.70 -11.92
N ALA A 467 -1.97 17.34 -11.35
CA ALA A 467 -1.13 18.33 -10.69
C ALA A 467 -0.60 19.38 -11.66
N ASP A 468 -0.51 19.06 -12.95
CA ASP A 468 -0.02 20.02 -13.92
C ASP A 468 -1.01 21.18 -14.09
N ILE A 469 -2.31 20.86 -14.23
CA ILE A 469 -3.31 21.90 -14.41
C ILE A 469 -3.78 22.49 -13.08
N ALA A 470 -3.24 22.02 -11.95
CA ALA A 470 -3.63 22.60 -10.66
C ALA A 470 -3.22 24.07 -10.54
N PRO A 471 -2.01 24.50 -10.92
CA PRO A 471 -1.70 25.94 -10.79
C PRO A 471 -2.62 26.84 -11.61
N GLN A 472 -2.97 26.45 -12.83
CA GLN A 472 -3.91 27.25 -13.63
C GLN A 472 -5.24 27.44 -12.91
N ILE A 473 -5.75 26.36 -12.29
CA ILE A 473 -7.03 26.44 -11.60
C ILE A 473 -6.91 27.27 -10.33
N ALA A 474 -5.81 27.10 -9.59
CA ALA A 474 -5.64 27.78 -8.32
C ALA A 474 -5.52 29.29 -8.46
N GLN A 475 -5.14 29.78 -9.65
CA GLN A 475 -5.02 31.22 -9.84
C GLN A 475 -6.35 31.94 -9.62
N LYS A 476 -7.47 31.29 -9.96
CA LYS A 476 -8.79 31.89 -9.81
C LYS A 476 -9.69 31.21 -8.80
N LEU A 477 -9.34 30.00 -8.34
CA LEU A 477 -10.16 29.29 -7.37
C LEU A 477 -9.78 29.71 -5.95
N THR A 478 -10.79 30.04 -5.16
CA THR A 478 -10.64 30.44 -3.76
C THR A 478 -11.21 29.37 -2.84
N PRO A 479 -10.81 29.34 -1.57
CA PRO A 479 -11.35 28.31 -0.66
C PRO A 479 -12.83 28.45 -0.39
N GLU A 480 -13.38 29.66 -0.42
CA GLU A 480 -14.82 29.83 -0.23
C GLU A 480 -15.61 29.51 -1.50
N MET A 481 -14.95 29.30 -2.62
CA MET A 481 -15.63 28.94 -3.85
C MET A 481 -15.91 27.44 -3.88
N PRO A 482 -17.09 27.04 -4.35
CA PRO A 482 -17.33 25.60 -4.56
C PRO A 482 -16.55 25.09 -5.75
N LEU A 483 -16.15 23.82 -5.66
CA LEU A 483 -15.56 23.08 -6.77
C LEU A 483 -16.40 21.83 -6.95
N TYR A 484 -17.43 21.94 -7.78
CA TYR A 484 -18.37 20.83 -7.96
C TYR A 484 -17.71 19.66 -8.67
N GLY A 485 -17.96 18.46 -8.18
CA GLY A 485 -17.58 17.25 -8.89
C GLY A 485 -18.78 16.67 -9.59
N VAL A 486 -18.93 16.97 -10.88
CA VAL A 486 -20.11 16.59 -11.63
C VAL A 486 -20.02 15.13 -12.03
N GLN A 487 -20.57 14.25 -11.18
CA GLN A 487 -20.52 12.81 -11.38
C GLN A 487 -19.10 12.33 -11.64
N MET A 488 -18.15 12.87 -10.87
CA MET A 488 -16.75 12.51 -10.99
C MET A 488 -16.09 12.69 -9.64
N LEU A 489 -15.58 11.59 -9.08
CA LEU A 489 -14.85 11.63 -7.82
C LEU A 489 -13.37 11.69 -8.15
N ASP A 490 -12.88 12.91 -8.37
CA ASP A 490 -11.45 13.09 -8.64
C ASP A 490 -10.67 12.86 -7.35
N HIS A 491 -9.74 11.91 -7.38
CA HIS A 491 -9.04 11.50 -6.17
C HIS A 491 -7.74 12.24 -5.94
N THR A 492 -7.20 12.92 -6.96
CA THR A 492 -5.89 13.56 -6.83
C THR A 492 -5.95 15.08 -6.97
N LEU A 493 -6.81 15.60 -7.84
CA LEU A 493 -6.83 17.04 -8.05
C LEU A 493 -7.26 17.85 -6.83
N PRO A 494 -8.28 17.45 -6.06
CA PRO A 494 -8.60 18.23 -4.85
C PRO A 494 -7.44 18.31 -3.87
N PHE A 495 -6.63 17.25 -3.73
CA PHE A 495 -5.46 17.32 -2.87
C PHE A 495 -4.49 18.39 -3.35
N TYR A 496 -4.17 18.38 -4.65
CA TYR A 496 -3.23 19.35 -5.17
C TYR A 496 -3.77 20.77 -5.12
N LEU A 497 -5.10 20.92 -5.13
CA LEU A 497 -5.70 22.24 -5.00
C LEU A 497 -5.84 22.68 -3.54
N ARG A 498 -5.63 21.77 -2.59
CA ARG A 498 -5.94 22.02 -1.18
C ARG A 498 -7.37 22.52 -1.03
N HIS A 499 -8.29 21.83 -1.71
CA HIS A 499 -9.67 22.28 -1.84
C HIS A 499 -10.60 21.11 -2.08
N PRO A 500 -11.60 20.90 -1.22
CA PRO A 500 -12.47 19.72 -1.37
C PRO A 500 -13.46 19.89 -2.51
N LEU A 501 -13.91 18.75 -3.02
CA LEU A 501 -14.96 18.72 -4.03
C LEU A 501 -16.33 18.78 -3.36
N MET A 502 -17.27 19.49 -3.99
CA MET A 502 -18.67 19.41 -3.63
C MET A 502 -19.33 18.42 -4.60
N MET A 503 -19.63 17.23 -4.10
CA MET A 503 -20.08 16.15 -4.97
C MET A 503 -21.44 16.47 -5.58
N VAL A 504 -21.56 16.22 -6.88
CA VAL A 504 -22.78 16.46 -7.64
C VAL A 504 -23.20 15.15 -8.27
N GLY A 505 -24.43 14.72 -7.99
CA GLY A 505 -24.93 13.47 -8.54
C GLY A 505 -24.32 12.25 -7.89
N GLN A 506 -24.03 11.22 -8.69
CA GLN A 506 -23.50 9.97 -8.16
C GLN A 506 -22.16 10.21 -7.46
N ALA A 507 -22.14 10.04 -6.14
CA ALA A 507 -20.96 10.31 -5.34
C ALA A 507 -20.03 9.11 -5.22
N ASP A 508 -20.36 7.98 -5.86
CA ASP A 508 -19.53 6.78 -5.84
C ASP A 508 -19.37 6.35 -4.38
N GLU A 509 -18.16 6.10 -3.89
CA GLU A 509 -17.95 5.68 -2.51
C GLU A 509 -18.31 6.75 -1.50
N LEU A 510 -18.61 7.97 -1.94
CA LEU A 510 -19.09 9.03 -1.06
C LEU A 510 -20.61 9.07 -0.97
N THR A 511 -21.31 8.20 -1.71
CA THR A 511 -22.77 8.17 -1.69
C THR A 511 -23.32 8.22 -0.27
N PHE A 512 -22.84 7.33 0.60
CA PHE A 512 -23.34 7.30 1.97
C PHE A 512 -23.17 8.65 2.64
N GLY A 513 -21.97 9.23 2.55
CA GLY A 513 -21.75 10.54 3.13
C GLY A 513 -22.65 11.59 2.52
N ALA A 514 -22.91 11.48 1.21
CA ALA A 514 -23.77 12.44 0.54
C ALA A 514 -25.22 12.34 1.03
N THR A 515 -25.62 11.21 1.60
CA THR A 515 -27.00 11.02 1.99
C THR A 515 -27.27 11.34 3.45
N VAL A 516 -26.29 11.16 4.34
CA VAL A 516 -26.49 11.46 5.75
C VAL A 516 -26.30 12.95 6.04
N GLU A 517 -25.62 13.68 5.17
CA GLU A 517 -25.46 15.13 5.29
C GLU A 517 -25.77 15.76 3.94
N PRO A 518 -27.05 15.76 3.53
CA PRO A 518 -27.39 16.22 2.18
C PRO A 518 -27.23 17.72 1.96
N GLN A 519 -27.05 18.51 3.03
CA GLN A 519 -26.85 19.95 2.88
C GLN A 519 -25.45 20.30 2.41
N ARG A 520 -24.59 19.31 2.17
CA ARG A 520 -23.23 19.52 1.72
C ARG A 520 -22.99 19.02 0.29
N VAL A 521 -24.07 18.67 -0.42
CA VAL A 521 -23.95 17.95 -1.69
C VAL A 521 -25.14 18.32 -2.56
N VAL A 522 -24.90 18.42 -3.86
CA VAL A 522 -25.96 18.58 -4.86
C VAL A 522 -26.47 17.20 -5.21
N PRO A 523 -27.77 16.90 -5.03
CA PRO A 523 -28.23 15.53 -5.22
C PRO A 523 -28.11 15.03 -6.65
N ASP A 524 -28.50 15.84 -7.62
CA ASP A 524 -28.52 15.43 -9.01
C ASP A 524 -28.03 16.58 -9.88
N VAL A 525 -27.64 16.25 -11.11
CA VAL A 525 -27.12 17.26 -12.03
C VAL A 525 -28.18 18.29 -12.35
N ASP A 526 -29.45 17.89 -12.35
CA ASP A 526 -30.52 18.82 -12.71
C ASP A 526 -30.61 19.98 -11.72
N SER A 527 -30.39 19.71 -10.43
CA SER A 527 -30.27 20.79 -9.46
C SER A 527 -28.97 21.56 -9.65
N PHE A 528 -27.91 20.87 -10.08
CA PHE A 528 -26.64 21.53 -10.32
C PHE A 528 -26.74 22.56 -11.43
N THR A 529 -27.67 22.37 -12.38
CA THR A 529 -27.84 23.37 -13.43
C THR A 529 -28.38 24.67 -12.87
N LYS A 530 -29.38 24.59 -11.99
CA LYS A 530 -29.92 25.79 -11.37
C LYS A 530 -28.90 26.45 -10.45
N LEU A 531 -28.17 25.64 -9.68
CA LEU A 531 -27.07 26.20 -8.89
C LEU A 531 -26.03 26.86 -9.77
N TRP A 532 -25.84 26.34 -10.98
CA TRP A 532 -24.77 26.78 -11.85
C TRP A 532 -25.12 28.08 -12.57
N LYS A 533 -26.39 28.23 -12.95
CA LYS A 533 -26.84 29.42 -13.66
C LYS A 533 -27.34 30.53 -12.74
N ASN A 534 -27.74 30.19 -11.51
CA ASN A 534 -28.30 31.19 -10.60
C ASN A 534 -27.57 31.30 -9.28
N GLY A 535 -26.74 30.34 -8.91
CA GLY A 535 -26.04 30.38 -7.64
C GLY A 535 -24.82 31.27 -7.69
N GLN A 536 -23.92 31.04 -6.72
CA GLN A 536 -22.71 31.82 -6.62
C GLN A 536 -21.73 31.40 -7.71
N PRO A 537 -20.76 32.26 -8.03
CA PRO A 537 -19.71 31.85 -8.98
C PRO A 537 -18.91 30.69 -8.42
N ALA A 538 -18.73 29.65 -9.24
CA ALA A 538 -18.04 28.46 -8.79
C ALA A 538 -17.37 27.79 -10.00
N MET A 539 -16.61 26.75 -9.70
CA MET A 539 -15.98 25.92 -10.70
C MET A 539 -16.55 24.51 -10.61
N ALA A 540 -16.21 23.69 -11.61
CA ALA A 540 -16.67 22.30 -11.63
C ALA A 540 -15.65 21.45 -12.37
N VAL A 541 -15.49 20.22 -11.91
CA VAL A 541 -14.63 19.22 -12.54
C VAL A 541 -15.52 18.12 -13.08
N MET A 542 -15.29 17.73 -14.33
CA MET A 542 -16.10 16.69 -14.94
C MET A 542 -15.26 15.93 -15.95
N SER A 543 -15.80 14.82 -16.45
CA SER A 543 -15.14 14.13 -17.55
C SER A 543 -15.46 14.85 -18.85
N PRO A 544 -14.66 14.61 -19.91
CA PRO A 544 -14.99 15.24 -21.21
C PRO A 544 -16.37 14.85 -21.72
N ASP A 545 -16.74 13.57 -21.61
CA ASP A 545 -18.07 13.15 -22.05
C ASP A 545 -19.16 13.82 -21.22
N THR A 546 -18.90 14.09 -19.94
CA THR A 546 -19.87 14.85 -19.15
C THR A 546 -19.98 16.28 -19.65
N TYR A 547 -18.85 16.90 -20.01
CA TYR A 547 -18.89 18.24 -20.57
C TYR A 547 -19.69 18.29 -21.86
N LEU A 548 -19.49 17.30 -22.74
CA LEU A 548 -20.24 17.27 -23.99
C LEU A 548 -21.71 16.95 -23.75
N ALA A 549 -22.02 16.22 -22.68
CA ALA A 549 -23.41 15.92 -22.35
C ALA A 549 -24.12 17.14 -21.79
N LEU A 550 -23.41 17.96 -21.01
CA LEU A 550 -23.98 19.16 -20.41
C LEU A 550 -23.85 20.40 -21.29
N ALA A 551 -23.10 20.32 -22.38
CA ALA A 551 -22.83 21.52 -23.18
C ALA A 551 -24.09 22.12 -23.79
N PRO A 552 -25.00 21.36 -24.39
CA PRO A 552 -26.24 21.98 -24.90
C PRO A 552 -27.16 22.48 -23.81
N THR A 553 -26.95 22.09 -22.55
CA THR A 553 -27.82 22.48 -21.44
C THR A 553 -27.40 23.80 -20.82
N LEU A 554 -26.15 23.89 -20.35
CA LEU A 554 -25.65 25.09 -19.70
C LEU A 554 -24.31 25.48 -20.32
N SER A 555 -24.15 26.79 -20.55
CA SER A 555 -22.91 27.31 -21.08
C SER A 555 -21.88 27.45 -19.96
N MET A 556 -20.67 26.95 -20.22
CA MET A 556 -19.61 26.94 -19.23
C MET A 556 -18.29 27.30 -19.89
N TYR A 557 -17.48 28.05 -19.17
CA TYR A 557 -16.21 28.54 -19.69
C TYR A 557 -15.07 27.69 -19.13
N VAL A 558 -14.24 27.17 -20.03
CA VAL A 558 -13.25 26.16 -19.67
C VAL A 558 -12.07 26.83 -18.95
N VAL A 559 -11.79 26.38 -17.73
CA VAL A 559 -10.64 26.88 -16.99
C VAL A 559 -9.39 26.09 -17.33
N ALA A 560 -9.47 24.76 -17.29
CA ALA A 560 -8.30 23.95 -17.61
C ALA A 560 -8.75 22.59 -18.11
N ARG A 561 -7.87 21.93 -18.86
CA ARG A 561 -8.12 20.59 -19.35
C ARG A 561 -6.86 19.75 -19.26
N ASP A 562 -7.05 18.45 -19.08
CA ASP A 562 -6.02 17.46 -19.37
C ASP A 562 -6.73 16.28 -20.02
N TRP A 563 -6.10 15.11 -19.98
CA TRP A 563 -6.65 13.96 -20.69
C TRP A 563 -7.82 13.31 -19.96
N ARG A 564 -7.98 13.57 -18.66
CA ARG A 564 -8.99 12.88 -17.87
C ARG A 564 -10.06 13.80 -17.29
N ARG A 565 -9.90 15.12 -17.39
CA ARG A 565 -10.83 16.01 -16.72
C ARG A 565 -10.91 17.33 -17.46
N VAL A 566 -12.10 17.93 -17.41
CA VAL A 566 -12.37 19.29 -17.85
C VAL A 566 -12.80 20.09 -16.63
N VAL A 567 -12.21 21.26 -16.45
CA VAL A 567 -12.47 22.13 -15.30
C VAL A 567 -13.00 23.45 -15.82
N VAL A 568 -14.22 23.79 -15.42
CA VAL A 568 -14.95 24.92 -15.98
C VAL A 568 -15.38 25.86 -14.85
N ALA A 569 -15.86 27.04 -15.26
CA ALA A 569 -16.45 28.01 -14.35
C ALA A 569 -17.75 28.54 -14.96
N ASN A 570 -18.61 29.08 -14.11
CA ASN A 570 -19.90 29.61 -14.55
C ASN A 570 -19.89 31.11 -14.79
N VAL A 571 -18.75 31.76 -14.62
CA VAL A 571 -18.57 33.16 -14.99
C VAL A 571 -17.34 33.27 -15.87
N ALA A 572 -17.42 34.11 -16.91
CA ALA A 572 -16.34 34.17 -17.89
C ALA A 572 -15.05 34.71 -17.28
N SER A 573 -15.14 35.51 -16.22
CA SER A 573 -13.95 36.12 -15.63
C SER A 573 -13.09 35.14 -14.84
N LEU A 574 -13.53 33.88 -14.68
CA LEU A 574 -12.72 32.88 -14.01
C LEU A 574 -12.02 31.93 -14.97
N ALA A 575 -11.85 32.34 -16.23
CA ALA A 575 -11.23 31.50 -17.23
C ALA A 575 -10.52 32.37 -18.27
N GLY A 576 -9.74 31.73 -19.12
CA GLY A 576 -9.09 32.43 -20.21
C GLY A 576 -10.08 32.87 -21.27
N PRO A 577 -9.66 33.77 -22.16
CA PRO A 577 -10.58 34.26 -23.20
C PRO A 577 -11.05 33.14 -24.11
N GLN A 578 -12.36 33.15 -24.39
CA GLN A 578 -12.98 32.09 -25.19
C GLN A 578 -14.07 32.65 -26.11
#